data_4YUE
#
_entry.id   4YUE
#
_cell.length_a   43.080
_cell.length_b   77.560
_cell.length_c   169.040
_cell.angle_alpha   90.00
_cell.angle_beta   90.00
_cell.angle_gamma   90.00
#
_symmetry.space_group_name_H-M   'P 21 21 21'
#
loop_
_entity.id
_entity.type
_entity.pdbx_description
1 polymer 'S4B6 Fab heavy chain'
2 polymer 'S4B6 Fab light chain'
3 polymer Interleukin-2
4 non-polymer GLYCEROL
5 water water
#
loop_
_entity_poly.entity_id
_entity_poly.type
_entity_poly.pdbx_seq_one_letter_code
_entity_poly.pdbx_strand_id
1 'polypeptide(L)'
;ADPEVQLQESGAELVRPGTSVKLSCKVSGDTITAYYLHFVRQRPGQGLEWIGRIDPEDDSTKYAENFKNKATFTADASSN
TAYLRLSSLTSEDTATYFCTTVTFYYSRELRWFAYWGQGTLVTVSSAETTAPSVYPLAPGTALKSNSMVTLGCLVKGYFP
EPVTVTWNSGALSSGVHTFPAVLQSGLYTLTSSVTVPSSTWSSQAVTCNVAHPASSTKVDKKIVPRECSRGGLEVLFQ
;
H
2 'polypeptide(L)'
;ADPDIQVTQSPASLSASLEEIVTITCQASQDIGNYLSWYQQKLGKSPQLLIHSATSLADGVPSRFSGSRSGTQYSLKINR
LQVEDTGIYYCLQHYSTPYTFGAGTKLELKRADAAPTVSIFPPSSEQLASGGASVVCLLNNFYPKDISVKWKIDGSERQN
GVLDSVTDQDSKDSTYSMSSTLTLTKAEYESHNSYTCEVTHKTSTSPVVKSFNRGECSRGGLEVLFQ
;
L
3 'polypeptide(L)'
;GPGSHLEQLLMDLQELLSRMENYRNLKLPRMLTFKFYLPKQATELKDLQCLEDELGPLRHVLDLTQSKSFQLEDAENFIS
NIRVTVVKLKGSDNTFECQFDDESATVVDFLRRWIAFCQSIISTSPQAAA
;
C
#
# COMPACT_ATOMS: atom_id res chain seq x y z
N GLU A 4 -15.76 9.34 -5.24
CA GLU A 4 -16.85 9.27 -6.20
C GLU A 4 -17.00 7.86 -6.77
N VAL A 5 -15.88 7.18 -6.98
CA VAL A 5 -15.92 5.81 -7.48
C VAL A 5 -15.21 4.86 -6.53
N GLN A 6 -15.69 3.62 -6.49
CA GLN A 6 -15.05 2.57 -5.70
C GLN A 6 -14.63 1.40 -6.59
N LEU A 7 -13.46 0.85 -6.28
CA LEU A 7 -12.98 -0.38 -6.91
C LEU A 7 -12.95 -1.48 -5.86
N GLN A 8 -13.32 -2.69 -6.27
CA GLN A 8 -13.28 -3.82 -5.35
C GLN A 8 -12.74 -5.07 -6.05
N GLU A 9 -11.63 -5.59 -5.53
CA GLU A 9 -11.05 -6.82 -6.06
C GLU A 9 -11.57 -8.04 -5.30
N SER A 10 -11.76 -9.15 -6.01
CA SER A 10 -12.10 -10.42 -5.37
C SER A 10 -11.53 -11.58 -6.18
N GLY A 11 -11.43 -12.74 -5.55
CA GLY A 11 -10.85 -13.91 -6.18
C GLY A 11 -10.48 -14.97 -5.15
N ALA A 12 -10.23 -16.17 -5.64
CA ALA A 12 -9.86 -17.30 -4.78
C ALA A 12 -8.67 -16.91 -3.91
N GLU A 13 -8.76 -17.20 -2.62
CA GLU A 13 -7.70 -16.85 -1.68
CA GLU A 13 -7.70 -16.84 -1.68
C GLU A 13 -6.57 -17.87 -1.72
N LEU A 14 -6.92 -19.12 -2.00
CA LEU A 14 -5.95 -20.21 -2.06
C LEU A 14 -6.01 -20.91 -3.41
N VAL A 15 -4.87 -20.95 -4.10
CA VAL A 15 -4.78 -21.62 -5.39
C VAL A 15 -3.56 -22.51 -5.40
N ARG A 16 -3.63 -23.60 -6.16
CA ARG A 16 -2.54 -24.56 -6.22
C ARG A 16 -1.54 -24.17 -7.30
N PRO A 17 -0.26 -24.55 -7.10
CA PRO A 17 0.80 -24.28 -8.08
C PRO A 17 0.49 -24.87 -9.45
N GLY A 18 0.88 -24.17 -10.50
CA GLY A 18 0.71 -24.68 -11.86
C GLY A 18 -0.69 -24.44 -12.41
N THR A 19 -1.63 -24.11 -11.52
CA THR A 19 -2.98 -23.77 -11.94
C THR A 19 -3.10 -22.28 -12.15
N SER A 20 -4.31 -21.81 -12.44
CA SER A 20 -4.52 -20.38 -12.61
C SER A 20 -5.50 -19.80 -11.59
N VAL A 21 -5.56 -18.47 -11.54
CA VAL A 21 -6.55 -17.79 -10.73
C VAL A 21 -7.16 -16.65 -11.56
N LYS A 22 -8.45 -16.41 -11.38
CA LYS A 22 -9.09 -15.29 -12.04
C LYS A 22 -9.56 -14.26 -11.00
N LEU A 23 -9.01 -13.06 -11.09
CA LEU A 23 -9.34 -11.97 -10.19
C LEU A 23 -10.32 -11.01 -10.83
N SER A 24 -11.26 -10.49 -10.05
CA SER A 24 -12.25 -9.56 -10.55
C SER A 24 -11.98 -8.15 -10.03
N CYS A 25 -12.25 -7.14 -10.85
CA CYS A 25 -12.18 -5.76 -10.38
C CYS A 25 -13.49 -5.03 -10.68
N LYS A 26 -14.34 -4.92 -9.65
CA LYS A 26 -15.68 -4.38 -9.81
C LYS A 26 -15.69 -2.89 -9.53
N VAL A 27 -16.05 -2.10 -10.53
CA VAL A 27 -16.12 -0.67 -10.38
C VAL A 27 -17.56 -0.20 -10.20
N SER A 28 -17.78 0.62 -9.19
CA SER A 28 -19.07 1.24 -8.97
C SER A 28 -18.86 2.72 -8.68
N GLY A 29 -19.92 3.51 -8.84
CA GLY A 29 -19.84 4.94 -8.66
C GLY A 29 -19.76 5.65 -10.00
N ASP A 30 -19.43 4.88 -11.03
CA ASP A 30 -19.26 5.40 -12.39
C ASP A 30 -19.20 4.23 -13.35
N THR A 31 -19.36 4.53 -14.64
CA THR A 31 -19.26 3.51 -15.68
C THR A 31 -17.83 3.04 -15.81
N ILE A 32 -17.66 1.85 -16.39
CA ILE A 32 -16.34 1.25 -16.53
C ILE A 32 -15.68 1.73 -17.82
N THR A 33 -16.50 2.29 -18.72
CA THR A 33 -16.04 2.70 -20.03
C THR A 33 -15.18 3.96 -19.97
N ALA A 34 -15.20 4.64 -18.82
CA ALA A 34 -14.48 5.90 -18.69
C ALA A 34 -13.07 5.68 -18.18
N TYR A 35 -12.69 4.43 -17.96
CA TYR A 35 -11.42 4.14 -17.31
C TYR A 35 -10.58 3.13 -18.07
N TYR A 36 -9.27 3.28 -17.96
CA TYR A 36 -8.34 2.20 -18.26
C TYR A 36 -8.12 1.49 -16.94
N LEU A 37 -8.29 0.17 -16.92
CA LEU A 37 -8.13 -0.57 -15.68
C LEU A 37 -6.80 -1.26 -15.60
N HIS A 38 -6.00 -0.86 -14.62
CA HIS A 38 -4.65 -1.35 -14.42
C HIS A 38 -4.61 -2.31 -13.25
N PHE A 39 -3.75 -3.32 -13.34
CA PHE A 39 -3.59 -4.20 -12.21
C PHE A 39 -2.17 -4.08 -11.66
N VAL A 40 -2.07 -4.12 -10.34
CA VAL A 40 -0.80 -3.97 -9.63
C VAL A 40 -0.75 -5.05 -8.55
N ARG A 41 0.39 -5.67 -8.36
CA ARG A 41 0.47 -6.65 -7.28
C ARG A 41 1.56 -6.27 -6.29
N GLN A 42 1.42 -6.76 -5.07
CA GLN A 42 2.41 -6.48 -4.06
C GLN A 42 2.76 -7.77 -3.34
N ARG A 43 4.02 -8.15 -3.37
CA ARG A 43 4.44 -9.36 -2.69
C ARG A 43 4.39 -9.02 -1.21
N PRO A 44 4.43 -10.02 -0.33
CA PRO A 44 4.22 -9.75 1.09
C PRO A 44 5.15 -8.74 1.73
N GLY A 45 6.45 -8.82 1.54
CA GLY A 45 7.27 -7.76 2.11
C GLY A 45 7.70 -6.69 1.12
N GLN A 46 7.15 -6.73 -0.08
CA GLN A 46 7.74 -6.02 -1.21
C GLN A 46 6.95 -4.78 -1.66
N GLY A 47 7.39 -4.19 -2.77
CA GLY A 47 6.77 -2.99 -3.29
C GLY A 47 5.68 -3.25 -4.31
N LEU A 48 5.09 -2.16 -4.81
CA LEU A 48 4.11 -2.21 -5.88
C LEU A 48 4.78 -2.62 -7.18
N GLU A 49 4.07 -3.40 -7.98
CA GLU A 49 4.62 -3.94 -9.20
C GLU A 49 3.52 -3.89 -10.28
N TRP A 50 3.76 -3.13 -11.35
CA TRP A 50 2.78 -2.93 -12.40
C TRP A 50 2.60 -4.19 -13.24
N ILE A 51 1.38 -4.72 -13.29
CA ILE A 51 1.13 -5.92 -14.08
C ILE A 51 0.72 -5.58 -15.51
N GLY A 52 -0.28 -4.71 -15.65
CA GLY A 52 -0.72 -4.30 -16.96
C GLY A 52 -2.05 -3.58 -16.91
N ARG A 53 -2.68 -3.43 -18.06
CA ARG A 53 -3.96 -2.76 -18.10
C ARG A 53 -4.82 -3.25 -19.26
N ILE A 54 -6.10 -2.91 -19.22
CA ILE A 54 -7.00 -3.13 -20.35
C ILE A 54 -7.98 -1.95 -20.44
N ASP A 55 -8.38 -1.58 -21.65
CA ASP A 55 -9.45 -0.60 -21.77
CA ASP A 55 -9.44 -0.59 -21.83
C ASP A 55 -10.73 -1.29 -22.23
N PRO A 56 -11.71 -1.37 -21.32
CA PRO A 56 -13.00 -2.05 -21.51
C PRO A 56 -13.69 -1.72 -22.82
N GLU A 57 -13.44 -0.53 -23.36
CA GLU A 57 -14.05 -0.14 -24.64
C GLU A 57 -13.39 -0.82 -25.83
N ASP A 58 -12.06 -0.83 -25.82
CA ASP A 58 -11.28 -1.33 -26.94
C ASP A 58 -10.92 -2.80 -26.75
N ASP A 59 -10.84 -3.22 -25.48
CA ASP A 59 -10.32 -4.52 -25.06
C ASP A 59 -8.83 -4.65 -25.30
N SER A 60 -8.20 -3.56 -25.74
CA SER A 60 -6.77 -3.57 -25.98
C SER A 60 -6.04 -3.72 -24.65
N THR A 61 -4.86 -4.33 -24.72
CA THR A 61 -4.16 -4.73 -23.51
C THR A 61 -2.68 -4.39 -23.53
N LYS A 62 -2.17 -4.00 -22.38
CA LYS A 62 -0.74 -3.76 -22.23
C LYS A 62 -0.19 -4.60 -21.08
N TYR A 63 1.00 -5.15 -21.28
CA TYR A 63 1.57 -6.08 -20.32
C TYR A 63 2.99 -5.72 -19.92
N ALA A 64 3.29 -5.85 -18.64
CA ALA A 64 4.67 -5.84 -18.18
C ALA A 64 5.42 -7.03 -18.79
N GLU A 65 6.74 -6.91 -18.93
CA GLU A 65 7.55 -8.00 -19.49
C GLU A 65 7.38 -9.31 -18.75
N ASN A 66 7.44 -9.23 -17.42
CA ASN A 66 7.41 -10.42 -16.56
C ASN A 66 6.04 -11.09 -16.54
N PHE A 67 5.04 -10.47 -17.12
CA PHE A 67 3.69 -11.02 -17.08
C PHE A 67 3.15 -11.32 -18.47
N LYS A 68 4.01 -11.23 -19.48
CA LYS A 68 3.62 -11.49 -20.85
C LYS A 68 2.95 -12.86 -21.01
N ASN A 69 3.64 -13.91 -20.58
CA ASN A 69 3.14 -15.27 -20.74
C ASN A 69 2.30 -15.75 -19.56
N LYS A 70 2.06 -14.86 -18.59
CA LYS A 70 1.38 -15.22 -17.35
C LYS A 70 -0.02 -14.62 -17.20
N ALA A 71 -0.21 -13.39 -17.69
CA ALA A 71 -1.44 -12.65 -17.41
C ALA A 71 -2.33 -12.45 -18.63
N THR A 72 -3.63 -12.50 -18.40
CA THR A 72 -4.62 -12.25 -19.44
C THR A 72 -5.71 -11.34 -18.91
N PHE A 73 -5.84 -10.15 -19.48
CA PHE A 73 -6.88 -9.22 -19.07
C PHE A 73 -8.12 -9.36 -19.95
N THR A 74 -9.28 -9.42 -19.30
CA THR A 74 -10.56 -9.38 -19.99
C THR A 74 -11.46 -8.36 -19.30
N ALA A 75 -12.57 -8.02 -19.94
CA ALA A 75 -13.51 -7.10 -19.33
C ALA A 75 -14.94 -7.39 -19.79
N ASP A 76 -15.88 -7.14 -18.90
CA ASP A 76 -17.30 -7.23 -19.21
C ASP A 76 -17.93 -5.87 -18.91
N ALA A 77 -18.20 -5.11 -19.97
CA ALA A 77 -18.74 -3.77 -19.82
C ALA A 77 -20.10 -3.79 -19.17
N SER A 78 -20.84 -4.89 -19.39
CA SER A 78 -22.21 -5.00 -18.90
C SER A 78 -22.27 -5.12 -17.38
N SER A 79 -21.22 -5.69 -16.79
CA SER A 79 -21.20 -5.90 -15.35
C SER A 79 -20.23 -4.95 -14.64
N ASN A 80 -19.71 -3.98 -15.38
CA ASN A 80 -18.78 -3.00 -14.85
C ASN A 80 -17.61 -3.66 -14.12
N THR A 81 -16.95 -4.61 -14.78
CA THR A 81 -15.92 -5.39 -14.12
C THR A 81 -14.80 -5.79 -15.10
N ALA A 82 -13.56 -5.64 -14.66
CA ALA A 82 -12.43 -6.14 -15.43
C ALA A 82 -11.87 -7.38 -14.75
N TYR A 83 -11.14 -8.19 -15.51
CA TYR A 83 -10.63 -9.46 -14.98
C TYR A 83 -9.15 -9.67 -15.29
N LEU A 84 -8.45 -10.25 -14.32
CA LEU A 84 -7.08 -10.68 -14.50
C LEU A 84 -6.98 -12.17 -14.28
N ARG A 85 -6.62 -12.91 -15.32
CA ARG A 85 -6.31 -14.33 -15.18
C ARG A 85 -4.80 -14.52 -15.14
N LEU A 86 -4.31 -15.08 -14.04
CA LEU A 86 -2.89 -15.34 -13.87
C LEU A 86 -2.60 -16.84 -13.98
N SER A 87 -1.76 -17.21 -14.95
CA SER A 87 -1.53 -18.62 -15.25
C SER A 87 -0.16 -19.10 -14.78
N SER A 88 -0.01 -20.44 -14.78
CA SER A 88 1.23 -21.09 -14.35
C SER A 88 1.69 -20.58 -13.00
N LEU A 89 0.79 -20.64 -12.01
CA LEU A 89 1.03 -19.98 -10.74
C LEU A 89 2.16 -20.64 -9.96
N THR A 90 3.06 -19.81 -9.45
CA THR A 90 4.12 -20.28 -8.57
C THR A 90 3.98 -19.57 -7.25
N SER A 91 4.81 -19.95 -6.27
CA SER A 91 4.78 -19.32 -4.96
C SER A 91 5.15 -17.84 -5.06
N GLU A 92 5.83 -17.47 -6.13
CA GLU A 92 6.22 -16.07 -6.33
C GLU A 92 4.99 -15.21 -6.67
N ASP A 93 3.92 -15.86 -7.14
CA ASP A 93 2.69 -15.16 -7.44
C ASP A 93 1.86 -14.86 -6.18
N THR A 94 2.32 -15.36 -5.05
CA THR A 94 1.68 -15.07 -3.78
C THR A 94 1.79 -13.57 -3.50
N ALA A 95 0.65 -12.88 -3.53
CA ALA A 95 0.66 -11.44 -3.38
C ALA A 95 -0.73 -10.86 -3.11
N THR A 96 -0.74 -9.59 -2.72
CA THR A 96 -1.94 -8.80 -2.71
C THR A 96 -2.11 -8.18 -4.10
N TYR A 97 -3.30 -8.30 -4.67
CA TYR A 97 -3.57 -7.74 -5.99
C TYR A 97 -4.54 -6.56 -5.89
N PHE A 98 -4.15 -5.45 -6.49
CA PHE A 98 -4.97 -4.26 -6.54
C PHE A 98 -5.35 -3.95 -7.97
N CYS A 99 -6.47 -3.28 -8.14
CA CYS A 99 -6.75 -2.63 -9.40
C CYS A 99 -6.81 -1.13 -9.17
N THR A 100 -6.51 -0.37 -10.22
CA THR A 100 -6.47 1.09 -10.12
C THR A 100 -6.78 1.61 -11.52
N THR A 101 -6.97 2.92 -11.66
CA THR A 101 -7.48 3.46 -12.91
C THR A 101 -6.67 4.58 -13.54
N VAL A 102 -6.82 4.72 -14.86
CA VAL A 102 -6.36 5.91 -15.57
C VAL A 102 -7.54 6.46 -16.37
N THR A 103 -7.69 7.80 -16.38
CA THR A 103 -8.80 8.46 -17.05
C THR A 103 -8.43 9.82 -17.63
N PHE A 104 -8.90 10.11 -18.83
CA PHE A 104 -8.78 11.45 -19.37
C PHE A 104 -10.14 12.10 -19.57
N TYR A 105 -11.17 11.48 -18.99
CA TYR A 105 -12.55 11.98 -19.04
C TYR A 105 -12.83 13.03 -17.97
N TYR A 106 -11.91 13.22 -17.03
CA TYR A 106 -12.10 14.26 -16.03
C TYR A 106 -10.88 15.16 -15.81
N SER A 107 -10.78 15.72 -14.61
CA SER A 107 -9.69 16.62 -14.26
C SER A 107 -8.32 15.98 -14.36
N ARG A 108 -7.28 16.80 -14.33
CA ARG A 108 -5.91 16.31 -14.32
C ARG A 108 -5.65 15.45 -13.09
N GLU A 109 -6.17 15.89 -11.95
CA GLU A 109 -5.83 15.28 -10.67
C GLU A 109 -6.46 13.89 -10.57
N LEU A 110 -7.34 13.55 -11.49
CA LEU A 110 -8.00 12.26 -11.47
C LEU A 110 -7.47 11.27 -12.50
N ARG A 111 -6.44 11.66 -13.25
CA ARG A 111 -5.95 10.81 -14.32
C ARG A 111 -5.14 9.61 -13.81
N TRP A 112 -4.23 9.83 -12.87
CA TRP A 112 -3.18 8.84 -12.64
C TRP A 112 -3.31 8.03 -11.34
N PHE A 113 -3.93 6.86 -11.47
CA PHE A 113 -4.14 5.95 -10.34
C PHE A 113 -4.75 6.67 -9.15
N ALA A 114 -5.79 7.44 -9.43
CA ALA A 114 -6.46 8.24 -8.42
C ALA A 114 -7.37 7.37 -7.55
N TYR A 115 -7.83 6.26 -8.12
CA TYR A 115 -8.69 5.33 -7.40
C TYR A 115 -8.03 3.96 -7.33
N TRP A 116 -8.08 3.34 -6.15
CA TRP A 116 -7.50 2.04 -5.96
C TRP A 116 -8.50 1.14 -5.23
N GLY A 117 -8.44 -0.15 -5.49
CA GLY A 117 -9.24 -1.10 -4.73
C GLY A 117 -8.65 -1.30 -3.35
N GLN A 118 -9.37 -2.03 -2.50
CA GLN A 118 -8.86 -2.35 -1.18
C GLN A 118 -7.78 -3.39 -1.27
N GLY A 119 -7.81 -4.19 -2.33
CA GLY A 119 -6.82 -5.21 -2.53
C GLY A 119 -7.23 -6.54 -1.93
N THR A 120 -6.82 -7.62 -2.58
CA THR A 120 -7.23 -8.99 -2.19
C THR A 120 -6.05 -9.94 -2.33
N LEU A 121 -5.92 -10.83 -1.35
CA LEU A 121 -4.73 -11.67 -1.22
C LEU A 121 -4.89 -13.01 -1.91
N VAL A 122 -3.86 -13.42 -2.63
CA VAL A 122 -3.84 -14.73 -3.26
C VAL A 122 -2.65 -15.53 -2.76
N THR A 123 -2.92 -16.70 -2.22
CA THR A 123 -1.84 -17.58 -1.80
C THR A 123 -1.76 -18.77 -2.74
N VAL A 124 -0.56 -18.99 -3.28
CA VAL A 124 -0.27 -20.12 -4.13
C VAL A 124 0.45 -21.16 -3.27
N SER A 125 -0.22 -22.26 -2.98
CA SER A 125 0.35 -23.31 -2.15
C SER A 125 -0.36 -24.64 -2.37
N SER A 126 0.32 -25.71 -1.97
CA SER A 126 -0.22 -27.06 -2.09
C SER A 126 -1.01 -27.44 -0.85
N ALA A 127 -0.79 -26.70 0.23
CA ALA A 127 -1.44 -26.97 1.50
C ALA A 127 -2.95 -26.77 1.38
N GLU A 128 -3.71 -27.44 2.24
CA GLU A 128 -5.14 -27.25 2.25
C GLU A 128 -5.55 -26.23 3.32
N THR A 129 -6.73 -25.66 3.12
CA THR A 129 -7.31 -24.69 4.04
C THR A 129 -7.50 -25.28 5.44
N THR A 130 -7.11 -24.51 6.45
CA THR A 130 -7.23 -24.94 7.84
C THR A 130 -7.83 -23.84 8.72
N ALA A 131 -8.78 -24.21 9.56
CA ALA A 131 -9.47 -23.26 10.42
C ALA A 131 -8.65 -22.98 11.67
N PRO A 132 -8.66 -21.73 12.14
CA PRO A 132 -7.94 -21.37 13.36
C PRO A 132 -8.65 -21.84 14.62
N SER A 133 -7.88 -21.99 15.68
CA SER A 133 -8.41 -22.12 17.04
C SER A 133 -8.18 -20.78 17.73
N VAL A 134 -9.13 -20.38 18.56
CA VAL A 134 -9.02 -19.06 19.19
C VAL A 134 -9.01 -19.19 20.70
N TYR A 135 -7.89 -18.82 21.30
CA TYR A 135 -7.68 -19.00 22.72
C TYR A 135 -7.64 -17.65 23.45
N PRO A 136 -8.20 -17.61 24.66
CA PRO A 136 -8.18 -16.35 25.43
C PRO A 136 -6.78 -16.02 25.98
N LEU A 137 -6.48 -14.74 26.07
CA LEU A 137 -5.31 -14.26 26.79
C LEU A 137 -5.79 -13.42 27.97
N ALA A 138 -5.72 -14.00 29.16
CA ALA A 138 -6.24 -13.33 30.36
C ALA A 138 -5.17 -13.29 31.45
N PRO A 139 -5.10 -12.17 32.18
CA PRO A 139 -4.11 -12.02 33.25
C PRO A 139 -4.27 -13.10 34.31
N GLY A 140 -3.17 -13.75 34.67
CA GLY A 140 -3.22 -14.86 35.61
C GLY A 140 -2.95 -14.45 37.05
N THR A 141 -2.65 -13.17 37.25
CA THR A 141 -2.59 -12.55 38.57
C THR A 141 -3.82 -11.69 38.82
N ALA A 142 -4.10 -11.43 40.09
CA ALA A 142 -5.36 -10.83 40.50
C ALA A 142 -5.59 -9.42 39.99
N LEU A 143 -6.84 -9.14 39.65
CA LEU A 143 -7.25 -7.89 39.08
C LEU A 143 -7.40 -6.81 40.16
N LYS A 144 -6.46 -5.87 40.21
CA LYS A 144 -6.53 -4.85 41.23
C LYS A 144 -7.00 -3.55 40.61
N SER A 145 -8.18 -3.09 41.03
CA SER A 145 -8.89 -2.03 40.33
C SER A 145 -8.10 -0.73 40.14
N ASN A 146 -8.72 0.19 39.41
CA ASN A 146 -8.21 1.52 39.10
C ASN A 146 -6.93 1.49 38.26
N SER A 147 -6.60 0.33 37.71
CA SER A 147 -5.43 0.23 36.85
C SER A 147 -5.92 0.00 35.42
N MET A 148 -4.98 -0.23 34.52
CA MET A 148 -5.30 -0.64 33.16
C MET A 148 -5.04 -2.13 33.05
N VAL A 149 -5.67 -2.78 32.08
CA VAL A 149 -5.44 -4.19 31.87
C VAL A 149 -5.41 -4.51 30.37
N THR A 150 -4.49 -5.39 29.99
CA THR A 150 -4.37 -5.81 28.61
C THR A 150 -4.90 -7.24 28.44
N LEU A 151 -5.84 -7.40 27.53
CA LEU A 151 -6.47 -8.67 27.22
C LEU A 151 -6.11 -9.05 25.80
N GLY A 152 -6.28 -10.31 25.43
CA GLY A 152 -5.95 -10.73 24.08
C GLY A 152 -6.59 -12.02 23.58
N CYS A 153 -6.45 -12.28 22.29
CA CYS A 153 -6.90 -13.53 21.69
C CYS A 153 -5.78 -14.12 20.85
N LEU A 154 -5.46 -15.38 21.10
CA LEU A 154 -4.46 -16.06 20.31
C LEU A 154 -5.16 -16.82 19.18
N VAL A 155 -4.86 -16.45 17.95
CA VAL A 155 -5.48 -17.10 16.78
C VAL A 155 -4.49 -18.04 16.11
N LYS A 156 -4.62 -19.34 16.38
CA LYS A 156 -3.56 -20.29 16.08
C LYS A 156 -3.92 -21.34 15.03
N GLY A 157 -2.94 -21.66 14.19
CA GLY A 157 -3.03 -22.78 13.26
C GLY A 157 -4.03 -22.68 12.12
N TYR A 158 -4.07 -21.55 11.44
CA TYR A 158 -4.92 -21.41 10.28
C TYR A 158 -4.11 -21.30 8.99
N PHE A 159 -4.78 -21.49 7.86
CA PHE A 159 -4.17 -21.32 6.55
C PHE A 159 -5.28 -21.22 5.50
N PRO A 160 -5.16 -20.26 4.56
CA PRO A 160 -4.11 -19.26 4.43
C PRO A 160 -4.48 -17.96 5.14
N GLU A 161 -3.65 -16.94 4.94
CA GLU A 161 -4.00 -15.60 5.34
C GLU A 161 -5.12 -15.12 4.43
N PRO A 162 -5.94 -14.15 4.89
CA PRO A 162 -5.84 -13.46 6.18
C PRO A 162 -6.95 -13.84 7.16
N VAL A 163 -6.81 -13.38 8.39
CA VAL A 163 -7.91 -13.36 9.34
C VAL A 163 -8.07 -11.92 9.78
N THR A 164 -9.28 -11.55 10.17
CA THR A 164 -9.53 -10.24 10.74
C THR A 164 -9.87 -10.40 12.22
N VAL A 165 -9.52 -9.40 13.01
CA VAL A 165 -9.88 -9.37 14.43
C VAL A 165 -10.45 -8.01 14.80
N THR A 166 -11.66 -7.99 15.35
CA THR A 166 -12.20 -6.78 15.95
C THR A 166 -12.45 -7.02 17.44
N TRP A 167 -12.72 -5.95 18.18
CA TRP A 167 -13.05 -6.10 19.60
C TRP A 167 -14.35 -5.42 19.90
N ASN A 168 -15.27 -6.18 20.51
CA ASN A 168 -16.62 -5.73 20.74
C ASN A 168 -17.19 -5.18 19.45
N SER A 169 -16.99 -5.92 18.37
CA SER A 169 -17.53 -5.58 17.04
C SER A 169 -17.17 -4.18 16.57
N GLY A 170 -15.99 -3.69 16.96
CA GLY A 170 -15.54 -2.39 16.52
C GLY A 170 -15.63 -1.28 17.56
N ALA A 171 -16.49 -1.45 18.56
CA ALA A 171 -16.68 -0.45 19.61
C ALA A 171 -15.40 -0.20 20.41
N LEU A 172 -14.49 -1.16 20.39
CA LEU A 172 -13.15 -0.96 20.91
C LEU A 172 -12.19 -0.92 19.73
N SER A 173 -11.68 0.28 19.44
CA SER A 173 -10.78 0.47 18.31
C SER A 173 -9.44 0.97 18.78
N SER A 174 -9.44 1.83 19.80
CA SER A 174 -8.19 2.32 20.37
C SER A 174 -7.66 1.31 21.36
N GLY A 175 -6.35 1.33 21.59
CA GLY A 175 -5.73 0.37 22.50
C GLY A 175 -5.74 -1.05 21.95
N VAL A 176 -5.96 -1.17 20.64
CA VAL A 176 -5.91 -2.48 19.98
C VAL A 176 -4.60 -2.64 19.22
N HIS A 177 -3.93 -3.76 19.44
CA HIS A 177 -2.78 -4.14 18.65
C HIS A 177 -3.05 -5.50 18.03
N THR A 178 -3.18 -5.57 16.72
CA THR A 178 -3.30 -6.84 16.03
C THR A 178 -1.98 -7.10 15.31
N PHE A 179 -1.23 -8.09 15.76
CA PHE A 179 0.13 -8.31 15.29
C PHE A 179 0.15 -9.10 13.99
N PRO A 180 1.21 -8.92 13.19
CA PRO A 180 1.36 -9.70 11.96
C PRO A 180 1.47 -11.19 12.24
N ALA A 181 0.79 -12.00 11.42
CA ALA A 181 0.83 -13.45 11.54
C ALA A 181 2.25 -13.98 11.37
N VAL A 182 2.53 -15.10 12.03
CA VAL A 182 3.78 -15.79 11.82
C VAL A 182 3.50 -17.20 11.31
N LEU A 183 4.28 -17.61 10.32
CA LEU A 183 4.14 -18.94 9.73
C LEU A 183 5.13 -19.93 10.33
N GLN A 184 4.59 -21.03 10.83
CA GLN A 184 5.42 -22.15 11.29
C GLN A 184 4.74 -23.47 10.94
N SER A 185 5.45 -24.31 10.18
CA SER A 185 4.94 -25.61 9.75
C SER A 185 3.67 -25.47 8.92
N GLY A 186 3.66 -24.51 8.00
CA GLY A 186 2.54 -24.32 7.10
C GLY A 186 1.29 -23.72 7.72
N LEU A 187 1.35 -23.37 9.00
CA LEU A 187 0.20 -22.80 9.69
C LEU A 187 0.50 -21.44 10.31
N TYR A 188 -0.46 -20.52 10.21
CA TYR A 188 -0.27 -19.17 10.72
C TYR A 188 -0.76 -19.04 12.15
N THR A 189 -0.15 -18.11 12.88
CA THR A 189 -0.52 -17.79 14.24
C THR A 189 -0.43 -16.27 14.42
N LEU A 190 -1.49 -15.64 14.91
CA LEU A 190 -1.39 -14.24 15.26
C LEU A 190 -2.06 -13.95 16.60
N THR A 191 -1.57 -12.92 17.26
CA THR A 191 -2.18 -12.48 18.49
C THR A 191 -2.81 -11.11 18.29
N SER A 192 -3.84 -10.83 19.06
CA SER A 192 -4.45 -9.50 19.07
C SER A 192 -4.76 -9.10 20.49
N SER A 193 -4.32 -7.92 20.90
CA SER A 193 -4.57 -7.42 22.27
C SER A 193 -5.43 -6.17 22.29
N VAL A 194 -6.10 -5.97 23.41
CA VAL A 194 -6.81 -4.73 23.69
C VAL A 194 -6.54 -4.30 25.12
N THR A 195 -6.30 -3.00 25.29
CA THR A 195 -6.00 -2.46 26.62
C THR A 195 -7.15 -1.59 27.07
N VAL A 196 -7.76 -1.96 28.19
CA VAL A 196 -8.92 -1.24 28.70
C VAL A 196 -8.72 -1.04 30.19
N PRO A 197 -9.43 -0.04 30.76
CA PRO A 197 -9.39 0.15 32.21
C PRO A 197 -9.82 -1.11 32.94
N SER A 198 -9.28 -1.31 34.13
CA SER A 198 -9.55 -2.49 34.89
C SER A 198 -11.04 -2.54 35.24
N SER A 199 -11.67 -1.37 35.29
CA SER A 199 -13.09 -1.27 35.64
C SER A 199 -14.01 -1.53 34.45
N THR A 200 -13.48 -1.43 33.23
CA THR A 200 -14.25 -1.73 32.03
C THR A 200 -14.41 -3.24 31.84
N TRP A 201 -13.44 -4.01 32.32
CA TRP A 201 -13.45 -5.44 32.21
C TRP A 201 -14.53 -6.05 33.08
N SER A 202 -14.68 -5.55 34.30
CA SER A 202 -15.62 -6.14 35.22
C SER A 202 -17.03 -5.71 34.96
N SER A 203 -17.23 -4.51 34.47
CA SER A 203 -18.56 -4.01 34.28
C SER A 203 -19.24 -4.54 33.05
N GLN A 204 -18.49 -4.75 31.98
CA GLN A 204 -19.07 -5.20 30.72
C GLN A 204 -18.19 -6.22 30.05
N ALA A 205 -18.70 -6.81 28.98
CA ALA A 205 -18.01 -7.87 28.26
C ALA A 205 -16.89 -7.36 27.34
N VAL A 206 -15.75 -8.03 27.34
CA VAL A 206 -14.74 -7.76 26.34
C VAL A 206 -14.52 -9.01 25.47
N THR A 207 -14.87 -8.89 24.20
CA THR A 207 -14.89 -10.05 23.29
C THR A 207 -14.14 -9.79 22.00
N CYS A 208 -13.34 -10.76 21.56
CA CYS A 208 -12.72 -10.64 20.25
C CYS A 208 -13.56 -11.37 19.20
N ASN A 209 -13.75 -10.72 18.05
CA ASN A 209 -14.49 -11.30 16.95
C ASN A 209 -13.52 -11.65 15.82
N VAL A 210 -13.37 -12.94 15.57
CA VAL A 210 -12.37 -13.43 14.64
C VAL A 210 -13.02 -14.05 13.41
N ALA A 211 -12.56 -13.63 12.23
CA ALA A 211 -13.12 -14.22 11.00
C ALA A 211 -12.02 -14.76 10.11
N HIS A 212 -12.26 -15.92 9.52
CA HIS A 212 -11.34 -16.51 8.57
C HIS A 212 -12.12 -16.98 7.34
N PRO A 213 -12.35 -16.06 6.41
CA PRO A 213 -13.19 -16.30 5.23
C PRO A 213 -12.80 -17.55 4.46
N ALA A 214 -11.50 -17.83 4.34
CA ALA A 214 -11.02 -18.96 3.56
C ALA A 214 -11.63 -20.28 4.01
N SER A 215 -11.92 -20.37 5.31
CA SER A 215 -12.51 -21.58 5.88
C SER A 215 -13.94 -21.35 6.36
N SER A 216 -14.52 -20.19 6.01
CA SER A 216 -15.86 -19.80 6.45
C SER A 216 -15.98 -19.93 7.96
N THR A 217 -15.02 -19.36 8.68
CA THR A 217 -15.02 -19.43 10.14
C THR A 217 -15.28 -18.07 10.75
N LYS A 218 -16.23 -18.02 11.67
CA LYS A 218 -16.41 -16.87 12.54
C LYS A 218 -16.38 -17.36 13.97
N VAL A 219 -15.55 -16.74 14.79
CA VAL A 219 -15.46 -17.10 16.19
C VAL A 219 -15.50 -15.84 17.03
N ASP A 220 -16.29 -15.89 18.10
CA ASP A 220 -16.30 -14.82 19.07
C ASP A 220 -15.88 -15.40 20.40
N LYS A 221 -14.80 -14.87 20.96
CA LYS A 221 -14.32 -15.37 22.24
C LYS A 221 -14.41 -14.28 23.30
N LYS A 222 -15.26 -14.49 24.29
CA LYS A 222 -15.35 -13.57 25.41
C LYS A 222 -14.17 -13.82 26.33
N ILE A 223 -13.45 -12.76 26.69
CA ILE A 223 -12.31 -12.90 27.61
C ILE A 223 -12.77 -12.79 29.07
N VAL A 224 -12.46 -13.82 29.84
CA VAL A 224 -12.93 -13.96 31.21
C VAL A 224 -11.75 -14.14 32.17
N PRO A 225 -11.80 -13.50 33.34
CA PRO A 225 -10.77 -13.60 34.40
C PRO A 225 -10.38 -15.02 34.78
N ARG A 226 -9.11 -15.21 35.09
CA ARG A 226 -8.61 -16.49 35.58
C ARG A 226 -7.80 -16.30 36.88
N PRO B 3 12.67 -0.34 -25.03
CA PRO B 3 13.57 0.04 -23.94
C PRO B 3 12.82 0.45 -22.68
N ASP B 4 12.45 -0.51 -21.84
CA ASP B 4 11.66 -0.22 -20.65
C ASP B 4 12.31 0.86 -19.78
N ILE B 5 11.48 1.76 -19.25
CA ILE B 5 11.98 2.86 -18.44
C ILE B 5 12.18 2.43 -16.99
N GLN B 6 13.43 2.47 -16.53
CA GLN B 6 13.79 2.10 -15.18
C GLN B 6 13.72 3.34 -14.29
N VAL B 7 13.39 3.15 -13.00
CA VAL B 7 13.40 4.28 -12.08
C VAL B 7 13.99 3.89 -10.72
N THR B 8 14.96 4.68 -10.26
CA THR B 8 15.61 4.45 -8.99
C THR B 8 15.04 5.37 -7.92
N GLN B 9 14.53 4.79 -6.83
CA GLN B 9 14.02 5.61 -5.74
C GLN B 9 15.03 5.62 -4.58
N SER B 10 15.14 6.75 -3.90
CA SER B 10 16.07 6.87 -2.78
C SER B 10 15.63 7.97 -1.82
N PRO B 11 15.83 7.75 -0.50
CA PRO B 11 16.43 6.53 0.05
C PRO B 11 15.43 5.39 0.12
N ALA B 12 15.92 4.18 0.37
CA ALA B 12 15.03 3.02 0.55
C ALA B 12 14.28 3.13 1.87
N SER B 13 14.97 3.64 2.89
CA SER B 13 14.35 3.87 4.19
C SER B 13 14.97 5.08 4.86
N LEU B 14 14.26 5.63 5.83
CA LEU B 14 14.67 6.85 6.50
C LEU B 14 13.90 7.01 7.80
N SER B 15 14.56 7.45 8.86
CA SER B 15 13.84 7.90 10.04
C SER B 15 14.10 9.38 10.23
N ALA B 16 13.03 10.13 10.54
CA ALA B 16 13.14 11.57 10.70
C ALA B 16 12.26 12.05 11.85
N SER B 17 12.60 13.19 12.42
CA SER B 17 11.87 13.74 13.57
C SER B 17 10.63 14.52 13.16
N LEU B 18 9.75 14.77 14.12
CA LEU B 18 8.65 15.70 13.92
C LEU B 18 9.20 17.05 13.45
N GLU B 19 8.44 17.70 12.57
CA GLU B 19 8.74 19.04 12.05
C GLU B 19 9.93 19.08 11.10
N GLU B 20 10.46 17.92 10.76
CA GLU B 20 11.60 17.85 9.86
C GLU B 20 11.14 17.92 8.42
N ILE B 21 11.97 18.53 7.57
CA ILE B 21 11.72 18.58 6.14
C ILE B 21 12.28 17.31 5.52
N VAL B 22 11.47 16.58 4.78
CA VAL B 22 11.92 15.32 4.24
C VAL B 22 11.87 15.35 2.73
N THR B 23 12.97 14.92 2.11
CA THR B 23 12.99 14.87 0.66
C THR B 23 13.22 13.45 0.14
N ILE B 24 12.35 13.01 -0.76
CA ILE B 24 12.48 11.69 -1.34
C ILE B 24 12.67 11.80 -2.86
N THR B 25 13.64 11.08 -3.39
CA THR B 25 14.05 11.26 -4.79
C THR B 25 13.72 10.06 -5.68
N CYS B 26 13.35 10.34 -6.92
CA CYS B 26 13.29 9.32 -7.96
C CYS B 26 14.09 9.75 -9.18
N GLN B 27 14.89 8.82 -9.69
CA GLN B 27 15.68 9.09 -10.88
C GLN B 27 15.20 8.20 -12.02
N ALA B 28 14.83 8.83 -13.13
CA ALA B 28 14.35 8.12 -14.31
C ALA B 28 15.48 7.89 -15.30
N SER B 29 15.48 6.73 -15.94
CA SER B 29 16.53 6.40 -16.90
C SER B 29 16.35 7.11 -18.24
N GLN B 30 15.25 7.83 -18.42
CA GLN B 30 15.00 8.57 -19.65
C GLN B 30 14.28 9.89 -19.39
N ASP B 31 14.25 10.77 -20.38
CA ASP B 31 13.47 12.00 -20.28
C ASP B 31 11.98 11.66 -20.26
N ILE B 32 11.37 11.89 -19.11
CA ILE B 32 10.02 11.42 -18.83
C ILE B 32 9.07 12.60 -18.68
N GLY B 33 9.65 13.79 -18.54
CA GLY B 33 8.87 15.00 -18.41
C GLY B 33 8.06 14.98 -17.14
N ASN B 34 6.80 15.38 -17.23
CA ASN B 34 5.98 15.49 -16.03
C ASN B 34 5.07 14.28 -15.87
N TYR B 35 5.49 13.13 -16.40
CA TYR B 35 4.67 11.92 -16.30
C TYR B 35 5.20 10.99 -15.22
N LEU B 36 5.33 11.53 -14.02
CA LEU B 36 5.66 10.77 -12.82
C LEU B 36 4.75 11.27 -11.70
N SER B 37 4.27 10.34 -10.88
CA SER B 37 3.41 10.69 -9.77
C SER B 37 3.86 10.00 -8.49
N TRP B 38 3.42 10.55 -7.36
CA TRP B 38 3.80 10.04 -6.05
C TRP B 38 2.61 9.46 -5.29
N TYR B 39 2.85 8.34 -4.60
CA TYR B 39 1.81 7.60 -3.88
C TYR B 39 2.27 7.23 -2.48
N GLN B 40 1.29 7.11 -1.58
CA GLN B 40 1.51 6.77 -0.19
C GLN B 40 0.78 5.48 0.16
N GLN B 41 1.41 4.63 0.98
CA GLN B 41 0.75 3.41 1.42
C GLN B 41 1.04 3.15 2.89
N LYS B 42 -0.02 2.84 3.65
CA LYS B 42 0.09 2.56 5.07
C LYS B 42 -0.48 1.18 5.37
N LEU B 43 0.23 0.41 6.18
CA LEU B 43 -0.25 -0.87 6.70
C LEU B 43 -0.64 -1.84 5.60
N GLY B 44 0.03 -1.74 4.46
CA GLY B 44 -0.24 -2.63 3.33
C GLY B 44 -1.66 -2.48 2.79
N LYS B 45 -2.27 -1.32 3.04
CA LYS B 45 -3.64 -1.06 2.57
C LYS B 45 -3.53 -0.31 1.25
N SER B 46 -4.68 0.15 0.73
CA SER B 46 -4.70 0.84 -0.55
C SER B 46 -3.71 2.00 -0.63
N PRO B 47 -2.88 2.03 -1.68
CA PRO B 47 -2.09 3.22 -1.97
C PRO B 47 -3.00 4.41 -2.20
N GLN B 48 -2.49 5.61 -1.96
CA GLN B 48 -3.20 6.85 -2.21
C GLN B 48 -2.34 7.82 -3.00
N LEU B 49 -2.87 8.35 -4.10
CA LEU B 49 -2.20 9.39 -4.88
C LEU B 49 -1.92 10.63 -4.03
N LEU B 50 -0.67 11.09 -4.03
CA LEU B 50 -0.28 12.28 -3.27
C LEU B 50 -0.04 13.46 -4.20
N ILE B 51 0.88 13.26 -5.14
CA ILE B 51 1.23 14.28 -6.12
C ILE B 51 1.20 13.64 -7.49
N HIS B 52 0.52 14.32 -8.42
CA HIS B 52 0.36 13.82 -9.78
C HIS B 52 1.05 14.75 -10.76
N SER B 53 1.50 14.20 -11.88
CA SER B 53 2.17 14.98 -12.90
C SER B 53 3.37 15.74 -12.33
N ALA B 54 4.15 15.05 -11.51
CA ALA B 54 5.39 15.55 -10.89
C ALA B 54 5.14 16.66 -9.85
N THR B 55 4.35 17.67 -10.17
CA THR B 55 4.31 18.83 -9.25
C THR B 55 2.95 19.31 -8.75
N SER B 56 1.90 18.55 -8.99
CA SER B 56 0.58 19.00 -8.61
C SER B 56 0.03 18.21 -7.42
N LEU B 57 -0.48 18.94 -6.43
CA LEU B 57 -1.10 18.29 -5.28
C LEU B 57 -2.44 17.66 -5.66
N ALA B 58 -2.64 16.41 -5.26
CA ALA B 58 -3.91 15.73 -5.48
C ALA B 58 -5.00 16.25 -4.52
N ASP B 59 -6.25 15.86 -4.78
CA ASP B 59 -7.42 16.50 -4.17
C ASP B 59 -7.47 16.63 -2.64
N GLY B 60 -7.43 15.51 -1.92
CA GLY B 60 -7.61 15.55 -0.48
C GLY B 60 -6.35 15.31 0.33
N VAL B 61 -5.22 15.78 -0.20
CA VAL B 61 -3.92 15.51 0.39
C VAL B 61 -3.43 16.72 1.19
N PRO B 62 -2.85 16.46 2.39
CA PRO B 62 -2.26 17.52 3.21
C PRO B 62 -1.33 18.45 2.41
N SER B 63 -1.41 19.74 2.68
CA SER B 63 -0.68 20.72 1.88
C SER B 63 0.82 20.71 2.17
N ARG B 64 1.25 19.94 3.16
CA ARG B 64 2.68 19.79 3.45
C ARG B 64 3.40 18.91 2.42
N PHE B 65 2.64 18.18 1.60
CA PHE B 65 3.24 17.38 0.54
C PHE B 65 3.40 18.19 -0.73
N SER B 66 4.55 18.06 -1.38
CA SER B 66 4.82 18.80 -2.60
C SER B 66 5.82 18.04 -3.45
N GLY B 67 5.79 18.32 -4.75
CA GLY B 67 6.66 17.64 -5.68
C GLY B 67 7.39 18.61 -6.57
N SER B 68 8.66 18.32 -6.84
CA SER B 68 9.44 19.13 -7.75
C SER B 68 10.19 18.24 -8.70
N ARG B 69 10.72 18.87 -9.73
CA ARG B 69 11.40 18.14 -10.78
C ARG B 69 12.54 18.97 -11.33
N SER B 70 13.68 18.33 -11.51
CA SER B 70 14.80 18.95 -12.21
C SER B 70 15.30 17.99 -13.28
N GLY B 71 14.91 18.25 -14.52
CA GLY B 71 15.22 17.33 -15.60
C GLY B 71 14.67 15.95 -15.29
N THR B 72 15.58 15.00 -15.07
CA THR B 72 15.21 13.61 -14.81
C THR B 72 15.21 13.25 -13.32
N GLN B 73 15.45 14.22 -12.47
CA GLN B 73 15.38 14.01 -11.03
C GLN B 73 14.05 14.53 -10.48
N TYR B 74 13.35 13.70 -9.72
CA TYR B 74 12.03 14.07 -9.20
C TYR B 74 12.10 14.03 -7.69
N SER B 75 11.40 14.96 -7.04
N SER B 75 11.40 14.93 -7.05
CA SER B 75 11.46 15.05 -5.58
CA SER B 75 11.44 15.03 -5.60
C SER B 75 10.08 15.07 -4.96
C SER B 75 10.06 15.03 -4.98
N LEU B 76 9.89 14.25 -3.93
CA LEU B 76 8.73 14.37 -3.07
C LEU B 76 9.20 15.05 -1.81
N LYS B 77 8.57 16.17 -1.46
CA LYS B 77 8.99 16.89 -0.27
C LYS B 77 7.86 16.91 0.75
N ILE B 78 8.19 16.60 1.99
CA ILE B 78 7.21 16.77 3.05
C ILE B 78 7.63 17.94 3.91
N ASN B 79 6.88 19.04 3.81
CA ASN B 79 7.22 20.25 4.55
C ASN B 79 6.81 20.15 6.00
N ARG B 80 7.73 19.68 6.84
CA ARG B 80 7.57 19.52 8.30
C ARG B 80 6.72 18.32 8.71
N LEU B 81 7.41 17.19 8.85
CA LEU B 81 6.82 15.88 9.06
C LEU B 81 5.87 15.73 10.26
N GLN B 82 4.75 15.06 10.01
CA GLN B 82 3.76 14.79 11.06
C GLN B 82 3.79 13.34 11.53
N VAL B 83 3.29 13.07 12.73
CA VAL B 83 3.26 11.72 13.30
C VAL B 83 2.57 10.72 12.39
N GLU B 84 1.47 11.16 11.77
CA GLU B 84 0.73 10.30 10.86
C GLU B 84 1.45 10.00 9.55
N ASP B 85 2.60 10.63 9.32
CA ASP B 85 3.25 10.45 8.02
C ASP B 85 4.09 9.18 7.94
N THR B 86 4.13 8.39 9.02
CA THR B 86 4.86 7.13 8.98
C THR B 86 4.21 6.19 7.96
N GLY B 87 5.03 5.51 7.17
CA GLY B 87 4.54 4.65 6.11
C GLY B 87 5.49 4.55 4.92
N ILE B 88 4.97 4.11 3.80
CA ILE B 88 5.74 3.93 2.58
C ILE B 88 5.30 4.87 1.44
N TYR B 89 6.29 5.40 0.72
CA TYR B 89 6.04 6.33 -0.39
C TYR B 89 6.61 5.73 -1.69
N TYR B 90 5.87 5.90 -2.78
CA TYR B 90 6.25 5.32 -4.09
C TYR B 90 6.17 6.36 -5.21
N CYS B 91 7.13 6.32 -6.13
CA CYS B 91 6.97 7.05 -7.39
C CYS B 91 6.59 6.09 -8.49
N LEU B 92 6.03 6.63 -9.56
CA LEU B 92 5.59 5.82 -10.67
C LEU B 92 5.84 6.58 -11.96
N GLN B 93 6.62 6.03 -12.87
CA GLN B 93 6.69 6.63 -14.19
C GLN B 93 5.47 6.13 -14.95
N HIS B 94 4.73 7.04 -15.56
CA HIS B 94 3.57 6.67 -16.36
C HIS B 94 3.63 7.42 -17.68
N TYR B 95 4.86 7.57 -18.16
CA TYR B 95 5.16 8.21 -19.44
C TYR B 95 4.79 7.33 -20.62
N SER B 96 5.18 6.06 -20.54
CA SER B 96 4.81 5.09 -21.54
C SER B 96 4.82 3.69 -20.95
N THR B 97 4.12 2.79 -21.63
CA THR B 97 4.02 1.39 -21.26
C THR B 97 5.29 0.64 -21.59
N PRO B 98 5.78 -0.21 -20.68
CA PRO B 98 5.19 -0.55 -19.36
C PRO B 98 5.45 0.50 -18.30
N TYR B 99 4.44 0.80 -17.48
CA TYR B 99 4.65 1.70 -16.34
C TYR B 99 5.60 1.03 -15.35
N THR B 100 6.19 1.84 -14.49
CA THR B 100 7.21 1.37 -13.56
C THR B 100 7.12 2.12 -12.23
N PHE B 101 7.00 1.38 -11.14
CA PHE B 101 7.09 1.97 -9.80
C PHE B 101 8.53 2.05 -9.30
N GLY B 102 8.87 3.12 -8.58
CA GLY B 102 10.06 3.09 -7.76
C GLY B 102 9.88 2.00 -6.71
N ALA B 103 10.97 1.50 -6.15
CA ALA B 103 10.87 0.40 -5.20
C ALA B 103 10.35 0.82 -3.81
N GLY B 104 10.18 2.13 -3.60
CA GLY B 104 9.58 2.64 -2.38
C GLY B 104 10.56 3.18 -1.34
N THR B 105 10.06 4.05 -0.48
CA THR B 105 10.83 4.59 0.63
C THR B 105 10.08 4.31 1.94
N LYS B 106 10.73 3.64 2.87
CA LYS B 106 10.09 3.37 4.14
C LYS B 106 10.42 4.48 5.12
N LEU B 107 9.44 5.32 5.41
CA LEU B 107 9.65 6.45 6.30
C LEU B 107 9.11 6.17 7.71
N GLU B 108 9.98 6.27 8.71
CA GLU B 108 9.55 6.11 10.08
C GLU B 108 9.85 7.36 10.91
N LEU B 109 9.04 7.60 11.94
CA LEU B 109 9.18 8.78 12.78
C LEU B 109 10.11 8.53 13.96
N LYS B 110 11.02 9.47 14.23
CA LYS B 110 11.78 9.44 15.47
C LYS B 110 10.89 9.89 16.62
N ARG B 111 11.21 9.43 17.83
CA ARG B 111 10.41 9.70 19.00
C ARG B 111 11.34 9.78 20.20
N ALA B 112 10.88 10.38 21.29
CA ALA B 112 11.54 10.17 22.56
C ALA B 112 11.34 8.72 22.96
N ASP B 113 12.24 8.20 23.79
CA ASP B 113 12.16 6.82 24.27
C ASP B 113 10.85 6.53 24.99
N ALA B 114 10.41 5.27 24.92
CA ALA B 114 9.22 4.83 25.61
C ALA B 114 9.38 3.38 26.07
N ALA B 115 9.26 3.16 27.38
CA ALA B 115 9.36 1.80 27.93
C ALA B 115 8.16 0.96 27.49
N PRO B 116 8.41 -0.32 27.20
CA PRO B 116 7.31 -1.22 26.87
C PRO B 116 6.44 -1.55 28.09
N THR B 117 5.15 -1.76 27.86
CA THR B 117 4.30 -2.34 28.88
C THR B 117 4.31 -3.85 28.62
N VAL B 118 4.78 -4.60 29.60
CA VAL B 118 5.03 -6.02 29.39
C VAL B 118 3.99 -6.87 30.10
N SER B 119 3.35 -7.77 29.34
CA SER B 119 2.36 -8.68 29.90
C SER B 119 2.70 -10.12 29.52
N ILE B 120 2.60 -11.05 30.45
CA ILE B 120 2.84 -12.45 30.16
C ILE B 120 1.56 -13.26 30.40
N PHE B 121 1.29 -14.24 29.53
CA PHE B 121 0.05 -15.02 29.61
C PHE B 121 0.32 -16.52 29.62
N PRO B 122 -0.14 -17.21 30.66
CA PRO B 122 -0.04 -18.68 30.66
C PRO B 122 -0.99 -19.30 29.63
N PRO B 123 -0.76 -20.58 29.28
CA PRO B 123 -1.69 -21.26 28.37
C PRO B 123 -3.12 -21.26 28.92
N SER B 124 -4.09 -21.06 28.04
CA SER B 124 -5.48 -21.18 28.40
C SER B 124 -5.85 -22.63 28.66
N SER B 125 -6.78 -22.84 29.56
CA SER B 125 -7.24 -24.19 29.85
C SER B 125 -7.88 -24.80 28.63
N GLU B 126 -8.65 -23.99 27.91
CA GLU B 126 -9.04 -24.41 26.44
CA GLU B 126 -9.05 -24.44 26.46
C GLU B 126 -8.04 -24.92 25.42
N GLN B 127 -6.79 -24.43 25.52
CA GLN B 127 -5.74 -24.91 24.63
C GLN B 127 -5.08 -26.16 25.20
N LEU B 128 -4.82 -26.15 26.50
CA LEU B 128 -4.26 -27.33 27.16
C LEU B 128 -5.14 -28.56 26.94
N ALA B 129 -6.45 -28.35 26.85
CA ALA B 129 -7.39 -29.43 26.58
C ALA B 129 -7.14 -30.04 25.23
N SER B 130 -6.67 -29.23 24.29
CA SER B 130 -6.32 -29.69 22.96
C SER B 130 -4.91 -30.26 22.89
N GLY B 131 -4.23 -30.28 24.04
CA GLY B 131 -2.88 -30.81 24.10
C GLY B 131 -1.75 -29.87 23.79
N GLY B 132 -2.07 -28.58 23.66
CA GLY B 132 -1.06 -27.59 23.36
C GLY B 132 -0.88 -26.58 24.48
N ALA B 133 0.23 -25.86 24.45
CA ALA B 133 0.54 -24.88 25.49
C ALA B 133 1.37 -23.73 24.93
N SER B 134 0.69 -22.62 24.66
CA SER B 134 1.35 -21.44 24.14
C SER B 134 1.45 -20.40 25.23
N VAL B 135 2.69 -20.01 25.54
CA VAL B 135 2.95 -18.96 26.52
C VAL B 135 3.19 -17.67 25.75
N VAL B 136 2.47 -16.62 26.11
CA VAL B 136 2.50 -15.39 25.32
C VAL B 136 3.03 -14.22 26.13
N CYS B 137 3.91 -13.45 25.53
CA CYS B 137 4.41 -12.23 26.12
C CYS B 137 4.11 -11.06 25.19
N LEU B 138 3.48 -10.02 25.72
CA LEU B 138 3.19 -8.86 24.92
C LEU B 138 3.96 -7.63 25.40
N LEU B 139 4.64 -6.97 24.48
CA LEU B 139 5.38 -5.76 24.78
C LEU B 139 4.70 -4.69 23.97
N ASN B 140 4.07 -3.75 24.64
CA ASN B 140 3.33 -2.73 23.93
C ASN B 140 3.74 -1.28 24.07
N ASN B 141 3.68 -0.58 22.94
CA ASN B 141 3.93 0.85 22.88
C ASN B 141 5.30 1.27 23.35
N PHE B 142 6.33 0.73 22.72
CA PHE B 142 7.69 1.08 23.06
C PHE B 142 8.41 1.81 21.92
N TYR B 143 9.51 2.46 22.27
CA TYR B 143 10.36 3.15 21.30
C TYR B 143 11.73 3.32 21.93
N PRO B 144 12.80 3.07 21.18
CA PRO B 144 12.84 2.71 19.76
C PRO B 144 12.43 1.28 19.45
N LYS B 145 12.34 0.97 18.17
CA LYS B 145 11.90 -0.34 17.71
C LYS B 145 12.75 -1.52 18.15
N ASP B 146 14.05 -1.27 18.19
CA ASP B 146 14.95 -2.23 18.78
CA ASP B 146 15.00 -2.28 18.76
C ASP B 146 14.90 -2.71 20.28
N ILE B 147 14.80 -4.02 20.11
CA ILE B 147 14.46 -4.69 21.33
C ILE B 147 14.80 -6.15 21.19
N SER B 148 15.01 -6.82 22.31
CA SER B 148 15.26 -8.24 22.31
C SER B 148 14.50 -8.95 23.42
N VAL B 149 13.98 -10.12 23.10
CA VAL B 149 13.21 -10.91 24.04
C VAL B 149 13.83 -12.28 24.21
N LYS B 150 13.97 -12.73 25.44
CA LYS B 150 14.44 -14.09 25.69
C LYS B 150 13.40 -14.82 26.52
N TRP B 151 13.19 -16.10 26.22
CA TRP B 151 12.34 -16.94 27.06
C TRP B 151 13.22 -17.79 27.95
N LYS B 152 12.98 -17.75 29.26
CA LYS B 152 13.67 -18.63 30.19
C LYS B 152 12.71 -19.63 30.80
N ILE B 153 13.11 -20.89 30.83
CA ILE B 153 12.32 -21.93 31.44
C ILE B 153 13.12 -22.52 32.59
N ASP B 154 12.62 -22.30 33.82
CA ASP B 154 13.33 -22.69 35.02
C ASP B 154 14.80 -22.22 35.01
N GLY B 155 15.03 -21.02 34.51
CA GLY B 155 16.34 -20.42 34.55
C GLY B 155 17.21 -20.57 33.30
N SER B 156 16.79 -21.40 32.34
CA SER B 156 17.61 -21.58 31.15
C SER B 156 16.86 -21.18 29.88
N GLU B 157 17.59 -20.64 28.91
CA GLU B 157 16.96 -20.07 27.73
C GLU B 157 16.39 -21.10 26.80
N ARG B 158 15.24 -20.83 26.25
CA ARG B 158 14.65 -21.73 25.31
C ARG B 158 14.52 -20.99 24.00
N GLN B 159 15.14 -21.49 22.94
CA GLN B 159 15.06 -20.82 21.65
C GLN B 159 14.05 -21.44 20.71
N ASN B 160 13.89 -22.76 20.80
CA ASN B 160 12.93 -23.46 19.96
C ASN B 160 11.49 -23.23 20.37
N GLY B 161 10.61 -23.13 19.38
CA GLY B 161 9.21 -22.92 19.59
C GLY B 161 8.79 -21.47 19.78
N VAL B 162 9.70 -20.54 19.52
CA VAL B 162 9.42 -19.14 19.72
C VAL B 162 9.09 -18.41 18.43
N LEU B 163 7.96 -17.71 18.41
CA LEU B 163 7.59 -16.90 17.25
C LEU B 163 7.38 -15.43 17.65
N ASP B 164 8.10 -14.55 16.98
CA ASP B 164 8.06 -13.11 17.27
C ASP B 164 7.33 -12.32 16.19
N SER B 165 6.72 -11.21 16.58
CA SER B 165 6.06 -10.36 15.61
C SER B 165 6.02 -8.93 16.11
N VAL B 166 6.30 -7.97 15.23
CA VAL B 166 6.30 -6.56 15.61
C VAL B 166 5.34 -5.77 14.73
N THR B 167 4.59 -4.85 15.32
CA THR B 167 3.66 -4.04 14.53
C THR B 167 4.40 -2.95 13.75
N ASP B 168 3.80 -2.47 12.67
CA ASP B 168 4.28 -1.27 12.00
C ASP B 168 4.18 -0.13 12.97
N GLN B 169 4.94 0.94 12.72
CA GLN B 169 4.92 2.08 13.61
C GLN B 169 3.51 2.64 13.73
N ASP B 170 3.14 2.98 14.95
CA ASP B 170 1.82 3.54 15.20
C ASP B 170 1.70 4.94 14.60
N SER B 171 0.56 5.20 13.98
CA SER B 171 0.36 6.43 13.24
C SER B 171 -0.03 7.60 14.15
N LYS B 172 -0.23 7.33 15.44
CA LYS B 172 -0.66 8.36 16.38
C LYS B 172 0.37 8.67 17.48
N ASP B 173 1.20 7.70 17.85
CA ASP B 173 2.18 7.93 18.92
CA ASP B 173 2.18 7.94 18.91
C ASP B 173 3.57 7.42 18.56
N SER B 174 3.74 6.96 17.32
CA SER B 174 5.03 6.52 16.79
C SER B 174 5.74 5.40 17.57
N THR B 175 5.01 4.65 18.38
CA THR B 175 5.59 3.52 19.09
C THR B 175 5.39 2.21 18.31
N TYR B 176 6.06 1.16 18.76
CA TYR B 176 5.97 -0.18 18.20
C TYR B 176 5.43 -1.12 19.27
N SER B 177 4.92 -2.26 18.85
CA SER B 177 4.47 -3.28 19.80
C SER B 177 4.93 -4.64 19.33
N MET B 178 5.15 -5.55 20.27
CA MET B 178 5.69 -6.84 19.91
C MET B 178 5.00 -7.96 20.66
N SER B 179 4.89 -9.10 19.99
CA SER B 179 4.29 -10.29 20.55
C SER B 179 5.26 -11.44 20.40
N SER B 180 5.55 -12.11 21.51
CA SER B 180 6.41 -13.30 21.49
C SER B 180 5.66 -14.49 22.09
N THR B 181 5.51 -15.54 21.30
CA THR B 181 4.79 -16.73 21.72
C THR B 181 5.73 -17.92 21.83
N LEU B 182 5.78 -18.55 22.99
CA LEU B 182 6.54 -19.76 23.10
C LEU B 182 5.57 -20.93 23.09
N THR B 183 5.71 -21.82 22.12
CA THR B 183 4.78 -22.92 21.97
C THR B 183 5.39 -24.27 22.33
N LEU B 184 4.72 -24.96 23.23
CA LEU B 184 5.16 -26.22 23.81
C LEU B 184 3.99 -27.17 23.73
N THR B 185 4.25 -28.47 23.82
CA THR B 185 3.16 -29.40 24.03
C THR B 185 2.78 -29.32 25.48
N LYS B 186 1.55 -29.73 25.78
CA LYS B 186 1.07 -29.73 27.16
C LYS B 186 2.02 -30.54 28.05
N ALA B 187 2.48 -31.68 27.56
CA ALA B 187 3.38 -32.51 28.33
C ALA B 187 4.69 -31.79 28.63
N GLU B 188 5.23 -31.11 27.63
CA GLU B 188 6.48 -30.38 27.82
C GLU B 188 6.31 -29.24 28.80
N TYR B 189 5.19 -28.54 28.67
CA TYR B 189 4.87 -27.42 29.51
C TYR B 189 4.74 -27.85 30.96
N GLU B 190 4.17 -29.03 31.15
CA GLU B 190 3.96 -29.57 32.50
C GLU B 190 5.21 -30.19 33.11
N SER B 191 6.30 -30.26 32.35
CA SER B 191 7.53 -30.82 32.88
C SER B 191 8.42 -29.73 33.48
N HIS B 192 7.99 -28.47 33.37
CA HIS B 192 8.75 -27.36 33.94
C HIS B 192 7.89 -26.53 34.86
N ASN B 193 8.54 -25.70 35.67
CA ASN B 193 7.81 -24.89 36.63
C ASN B 193 7.73 -23.40 36.35
N SER B 194 8.87 -22.80 36.01
CA SER B 194 8.95 -21.35 35.91
C SER B 194 9.11 -20.87 34.49
N TYR B 195 8.23 -19.95 34.09
CA TYR B 195 8.28 -19.39 32.77
C TYR B 195 8.51 -17.89 32.82
N THR B 196 9.53 -17.43 32.10
CA THR B 196 9.94 -16.03 32.16
C THR B 196 10.11 -15.43 30.78
N CYS B 197 9.50 -14.27 30.60
CA CYS B 197 9.71 -13.43 29.42
C CYS B 197 10.69 -12.33 29.82
N GLU B 198 11.87 -12.31 29.21
CA GLU B 198 12.91 -11.35 29.59
C GLU B 198 13.16 -10.30 28.51
N VAL B 199 12.87 -9.04 28.85
CA VAL B 199 12.89 -7.98 27.85
C VAL B 199 14.08 -7.05 28.00
N THR B 200 14.90 -6.99 26.94
CA THR B 200 16.02 -6.06 26.91
C THR B 200 15.68 -4.88 26.02
N HIS B 201 15.77 -3.68 26.60
CA HIS B 201 15.41 -2.45 25.92
C HIS B 201 16.20 -1.31 26.54
N LYS B 202 16.48 -0.25 25.78
CA LYS B 202 17.36 0.79 26.29
C LYS B 202 16.72 1.59 27.42
N THR B 203 15.41 1.45 27.60
CA THR B 203 14.70 2.17 28.64
C THR B 203 14.98 1.61 30.04
N SER B 204 15.61 0.44 30.10
CA SER B 204 16.01 -0.15 31.37
C SER B 204 17.46 -0.61 31.36
N THR B 205 18.19 -0.30 32.43
CA THR B 205 19.58 -0.72 32.56
C THR B 205 19.68 -2.23 32.62
N SER B 206 18.76 -2.87 33.33
CA SER B 206 18.73 -4.32 33.40
C SER B 206 17.45 -4.83 32.79
N PRO B 207 17.51 -6.02 32.21
CA PRO B 207 16.36 -6.56 31.48
C PRO B 207 15.11 -6.60 32.34
N VAL B 208 13.97 -6.30 31.73
CA VAL B 208 12.69 -6.33 32.42
C VAL B 208 12.15 -7.75 32.38
N VAL B 209 11.64 -8.21 33.51
CA VAL B 209 11.23 -9.60 33.64
C VAL B 209 9.76 -9.68 34.02
N LYS B 210 9.04 -10.55 33.29
CA LYS B 210 7.69 -10.96 33.65
C LYS B 210 7.68 -12.47 33.68
N SER B 211 7.09 -13.03 34.73
CA SER B 211 7.25 -14.44 34.99
C SER B 211 6.03 -15.06 35.67
N PHE B 212 5.86 -16.36 35.53
CA PHE B 212 4.88 -17.07 36.35
C PHE B 212 5.32 -18.51 36.64
N ASN B 213 4.82 -19.04 37.73
CA ASN B 213 5.04 -20.44 38.07
C ASN B 213 3.81 -21.23 37.67
N ARG B 214 4.02 -22.27 36.86
CA ARG B 214 2.95 -23.15 36.41
C ARG B 214 2.22 -23.71 37.62
N GLY B 215 0.91 -23.50 37.67
CA GLY B 215 0.12 -23.91 38.81
C GLY B 215 0.10 -22.90 39.93
N GLU B 216 0.72 -21.76 39.77
CA GLU B 216 0.50 -20.74 40.78
C GLU B 216 -0.78 -20.00 40.44
N SER C 4 12.74 27.74 -37.99
CA SER C 4 12.20 26.64 -38.78
C SER C 4 11.54 25.59 -37.89
N HIS C 5 11.91 25.58 -36.62
CA HIS C 5 11.35 24.62 -35.67
C HIS C 5 9.89 24.92 -35.40
N LEU C 6 9.60 26.19 -35.12
CA LEU C 6 8.24 26.65 -34.86
C LEU C 6 7.30 26.31 -36.00
N GLU C 7 7.65 26.76 -37.20
CA GLU C 7 6.79 26.54 -38.37
C GLU C 7 6.59 25.05 -38.64
N GLN C 8 7.58 24.24 -38.27
CA GLN C 8 7.43 22.80 -38.38
C GLN C 8 6.42 22.32 -37.34
N LEU C 9 6.49 22.87 -36.13
CA LEU C 9 5.52 22.52 -35.10
C LEU C 9 4.12 23.01 -35.49
N LEU C 10 4.05 24.22 -36.02
CA LEU C 10 2.77 24.79 -36.44
C LEU C 10 2.11 23.90 -37.48
N MET C 11 2.87 23.51 -38.50
CA MET C 11 2.33 22.63 -39.54
C MET C 11 2.00 21.24 -38.99
N ASP C 12 2.77 20.77 -38.03
CA ASP C 12 2.47 19.50 -37.37
C ASP C 12 1.17 19.60 -36.57
N LEU C 13 0.96 20.75 -35.92
CA LEU C 13 -0.27 20.98 -35.18
C LEU C 13 -1.43 21.26 -36.14
N GLN C 14 -1.13 21.93 -37.26
CA GLN C 14 -2.13 22.13 -38.31
C GLN C 14 -2.50 20.79 -38.93
N GLU C 15 -1.51 19.92 -39.08
CA GLU C 15 -1.74 18.58 -39.60
C GLU C 15 -2.66 17.79 -38.69
N LEU C 16 -2.42 17.92 -37.37
CA LEU C 16 -3.21 17.20 -36.39
C LEU C 16 -4.66 17.68 -36.35
N LEU C 17 -4.84 18.99 -36.35
CA LEU C 17 -6.18 19.57 -36.36
C LEU C 17 -6.93 19.24 -37.64
N SER C 18 -6.23 19.34 -38.77
CA SER C 18 -6.83 19.11 -40.08
C SER C 18 -7.35 17.69 -40.27
N ARG C 19 -6.64 16.72 -39.69
CA ARG C 19 -6.99 15.31 -39.87
C ARG C 19 -7.70 14.75 -38.64
N MET C 20 -8.00 15.63 -37.69
CA MET C 20 -8.78 15.20 -36.52
C MET C 20 -10.26 15.40 -36.76
N GLU C 21 -10.63 16.56 -37.28
CA GLU C 21 -12.03 16.92 -37.48
C GLU C 21 -12.55 16.45 -38.84
N ARG C 30 -17.04 10.49 -28.93
CA ARG C 30 -16.12 9.36 -28.86
C ARG C 30 -14.76 9.84 -28.39
N MET C 31 -14.03 10.48 -29.29
CA MET C 31 -12.72 11.01 -28.96
C MET C 31 -12.85 12.45 -28.48
N LEU C 32 -14.07 12.96 -28.47
CA LEU C 32 -14.36 14.31 -28.03
C LEU C 32 -14.67 14.35 -26.54
N THR C 33 -14.63 13.20 -25.89
CA THR C 33 -14.90 13.11 -24.47
C THR C 33 -13.62 13.36 -23.66
N PHE C 34 -12.48 13.01 -24.25
CA PHE C 34 -11.18 13.21 -23.63
C PHE C 34 -11.01 14.67 -23.25
N LYS C 35 -10.48 14.90 -22.05
CA LYS C 35 -10.35 16.27 -21.54
C LYS C 35 -8.89 16.73 -21.47
N PHE C 36 -8.58 17.71 -22.31
CA PHE C 36 -7.28 18.35 -22.34
C PHE C 36 -7.34 19.62 -21.53
N TYR C 37 -6.16 20.16 -21.19
CA TYR C 37 -6.09 21.36 -20.39
C TYR C 37 -5.00 22.30 -20.88
N LEU C 38 -5.27 23.59 -20.78
CA LEU C 38 -4.44 24.65 -21.36
C LEU C 38 -3.92 25.57 -20.28
N PRO C 39 -2.81 26.28 -20.55
CA PRO C 39 -2.42 27.36 -19.63
C PRO C 39 -3.32 28.58 -19.77
N LYS C 40 -3.36 29.40 -18.72
CA LYS C 40 -4.11 30.65 -18.76
C LYS C 40 -3.46 31.57 -19.79
N GLN C 41 -2.15 31.75 -19.67
CA GLN C 41 -1.40 32.53 -20.65
C GLN C 41 -0.32 31.71 -21.35
N ALA C 42 -0.25 31.85 -22.67
CA ALA C 42 0.80 31.21 -23.45
C ALA C 42 1.44 32.16 -24.45
N THR C 43 2.53 32.80 -24.05
CA THR C 43 3.11 33.87 -24.84
C THR C 43 4.60 33.72 -25.16
N GLU C 44 5.25 32.75 -24.54
CA GLU C 44 6.69 32.57 -24.73
C GLU C 44 6.97 31.12 -25.12
N LEU C 45 8.16 30.87 -25.64
CA LEU C 45 8.54 29.55 -26.09
C LEU C 45 8.57 28.54 -24.94
N LYS C 46 8.95 29.00 -23.76
CA LYS C 46 9.01 28.12 -22.59
C LYS C 46 7.61 27.67 -22.16
N ASP C 47 6.57 28.26 -22.72
CA ASP C 47 5.20 27.87 -22.42
C ASP C 47 4.82 26.58 -23.16
N LEU C 48 5.66 26.17 -24.11
CA LEU C 48 5.43 24.95 -24.88
C LEU C 48 5.57 23.71 -24.01
N GLN C 49 6.13 23.89 -22.82
CA GLN C 49 6.15 22.84 -21.81
C GLN C 49 4.73 22.34 -21.53
N CYS C 50 3.76 23.26 -21.59
CA CYS C 50 2.35 22.95 -21.32
C CYS C 50 1.73 22.08 -22.41
N LEU C 51 2.26 22.16 -23.62
CA LEU C 51 1.81 21.31 -24.71
C LEU C 51 2.39 19.90 -24.54
N GLU C 52 3.69 19.83 -24.28
CA GLU C 52 4.37 18.58 -24.00
C GLU C 52 3.67 17.76 -22.89
N ASP C 53 3.14 18.47 -21.90
CA ASP C 53 2.50 17.83 -20.75
C ASP C 53 1.18 17.14 -21.09
N GLU C 54 0.60 17.48 -22.24
CA GLU C 54 -0.69 16.92 -22.65
C GLU C 54 -0.56 15.88 -23.78
N LEU C 55 0.67 15.51 -24.13
CA LEU C 55 0.89 14.59 -25.24
C LEU C 55 0.44 13.17 -24.89
N GLY C 56 0.37 12.87 -23.59
CA GLY C 56 -0.14 11.60 -23.14
C GLY C 56 -1.53 11.32 -23.69
N PRO C 57 -2.54 12.09 -23.22
CA PRO C 57 -3.90 11.96 -23.73
C PRO C 57 -4.01 12.21 -25.25
N LEU C 58 -3.17 13.10 -25.77
CA LEU C 58 -3.19 13.40 -27.20
C LEU C 58 -2.82 12.17 -28.02
N ARG C 59 -2.00 11.30 -27.43
CA ARG C 59 -1.60 10.05 -28.04
C ARG C 59 -2.75 9.03 -28.05
N HIS C 60 -3.51 8.98 -26.97
CA HIS C 60 -4.58 8.01 -26.84
C HIS C 60 -5.71 8.31 -27.83
N VAL C 61 -6.04 9.57 -27.99
CA VAL C 61 -7.09 9.92 -28.93
C VAL C 61 -6.62 9.60 -30.33
N LEU C 62 -5.31 9.63 -30.54
CA LEU C 62 -4.74 9.37 -31.85
C LEU C 62 -4.84 7.89 -32.17
N ASP C 63 -6.03 7.47 -32.58
CA ASP C 63 -6.30 6.09 -32.93
C ASP C 63 -6.98 6.01 -34.29
N LEU C 64 -6.21 5.60 -35.30
CA LEU C 64 -6.70 5.43 -36.66
C LEU C 64 -7.34 6.71 -37.18
N ASP C 74 0.80 3.41 -35.80
CA ASP C 74 2.15 3.87 -35.51
C ASP C 74 2.22 5.38 -35.49
N ALA C 75 1.16 6.00 -35.02
CA ALA C 75 1.13 7.44 -34.94
C ALA C 75 2.06 7.85 -33.83
N GLU C 76 2.64 6.87 -33.15
CA GLU C 76 3.56 7.19 -32.08
C GLU C 76 4.69 8.08 -32.58
N ASN C 77 5.13 7.81 -33.80
CA ASN C 77 6.20 8.59 -34.43
C ASN C 77 5.81 10.05 -34.59
N PHE C 78 4.52 10.30 -34.74
CA PHE C 78 4.03 11.66 -34.93
C PHE C 78 4.14 12.47 -33.65
N ILE C 79 3.65 11.89 -32.56
CA ILE C 79 3.71 12.54 -31.24
C ILE C 79 5.15 12.61 -30.77
N SER C 80 5.92 11.56 -31.02
CA SER C 80 7.30 11.50 -30.58
C SER C 80 8.14 12.61 -31.21
N ASN C 81 7.91 12.85 -32.49
CA ASN C 81 8.65 13.87 -33.23
C ASN C 81 8.13 15.28 -32.97
N ILE C 82 6.88 15.39 -32.53
CA ILE C 82 6.39 16.67 -32.04
C ILE C 82 7.10 17.00 -30.74
N ARG C 83 7.27 15.98 -29.91
CA ARG C 83 7.89 16.17 -28.61
C ARG C 83 9.34 16.61 -28.74
N VAL C 84 10.11 15.98 -29.62
CA VAL C 84 11.51 16.38 -29.78
C VAL C 84 11.60 17.82 -30.28
N THR C 85 10.63 18.24 -31.10
CA THR C 85 10.58 19.60 -31.60
C THR C 85 10.27 20.57 -30.46
N VAL C 86 9.31 20.19 -29.62
CA VAL C 86 8.99 20.98 -28.44
C VAL C 86 10.18 21.10 -27.50
N VAL C 87 10.90 20.00 -27.28
CA VAL C 87 12.06 20.02 -26.39
C VAL C 87 13.16 20.94 -26.95
N LYS C 88 13.31 20.95 -28.28
CA LYS C 88 14.27 21.84 -28.93
C LYS C 88 13.87 23.31 -28.80
N LEU C 89 12.59 23.56 -28.61
CA LEU C 89 12.07 24.92 -28.65
C LEU C 89 11.84 25.56 -27.28
N LYS C 90 11.41 24.76 -26.30
CA LYS C 90 10.98 25.31 -25.02
C LYS C 90 12.13 25.89 -24.19
N GLY C 91 13.36 25.47 -24.50
CA GLY C 91 14.52 25.91 -23.75
C GLY C 91 15.19 24.77 -23.02
N SER C 92 16.40 25.02 -22.54
CA SER C 92 17.16 24.00 -21.84
C SER C 92 17.61 24.49 -20.46
N ASP C 93 17.54 25.80 -20.27
CA ASP C 93 18.02 26.42 -19.03
C ASP C 93 17.22 26.00 -17.81
N ASN C 94 15.90 25.90 -17.95
CA ASN C 94 15.04 25.73 -16.80
C ASN C 94 13.90 24.74 -16.98
N THR C 95 13.40 24.22 -15.85
CA THR C 95 12.20 23.40 -15.87
C THR C 95 10.99 24.24 -15.45
N PHE C 96 10.38 24.89 -16.43
CA PHE C 96 9.19 25.70 -16.24
C PHE C 96 8.01 24.86 -15.77
N GLU C 97 7.44 25.21 -14.62
CA GLU C 97 6.20 24.58 -14.19
C GLU C 97 5.01 25.22 -14.90
N CYS C 98 4.18 24.38 -15.51
CA CYS C 98 3.02 24.89 -16.23
C CYS C 98 1.88 25.16 -15.26
N GLN C 99 1.13 26.23 -15.48
CA GLN C 99 -0.05 26.54 -14.67
C GLN C 99 -1.30 26.38 -15.51
N PHE C 100 -2.02 25.27 -15.32
CA PHE C 100 -3.18 24.97 -16.12
C PHE C 100 -4.46 25.63 -15.61
N ASP C 101 -5.37 25.91 -16.54
CA ASP C 101 -6.71 26.35 -16.18
C ASP C 101 -7.55 25.11 -15.90
N ASP C 102 -8.52 25.23 -15.01
CA ASP C 102 -9.34 24.10 -14.61
C ASP C 102 -10.37 23.73 -15.67
N GLU C 103 -10.65 24.66 -16.57
CA GLU C 103 -11.63 24.46 -17.62
C GLU C 103 -11.05 23.58 -18.72
N SER C 104 -11.77 22.52 -19.06
CA SER C 104 -11.26 21.52 -20.00
C SER C 104 -11.56 21.92 -21.45
N ALA C 105 -10.92 21.21 -22.37
CA ALA C 105 -11.09 21.47 -23.80
C ALA C 105 -11.08 20.16 -24.57
N THR C 106 -11.87 20.07 -25.64
CA THR C 106 -11.81 18.90 -26.50
C THR C 106 -10.45 18.85 -27.19
N VAL C 107 -10.17 17.73 -27.84
CA VAL C 107 -8.93 17.57 -28.59
C VAL C 107 -8.85 18.62 -29.72
N VAL C 108 -10.01 19.08 -30.18
CA VAL C 108 -10.08 20.06 -31.26
C VAL C 108 -9.69 21.47 -30.81
N ASP C 109 -10.35 21.96 -29.76
CA ASP C 109 -10.11 23.31 -29.26
C ASP C 109 -8.69 23.45 -28.73
N PHE C 110 -8.20 22.38 -28.12
CA PHE C 110 -6.82 22.27 -27.63
C PHE C 110 -5.83 22.45 -28.79
N LEU C 111 -6.08 21.75 -29.89
CA LEU C 111 -5.21 21.86 -31.06
C LEU C 111 -5.29 23.24 -31.70
N ARG C 112 -6.49 23.79 -31.80
CA ARG C 112 -6.67 25.13 -32.34
C ARG C 112 -5.95 26.18 -31.48
N ARG C 113 -5.98 25.98 -30.16
CA ARG C 113 -5.39 26.93 -29.23
C ARG C 113 -3.87 27.00 -29.39
N TRP C 114 -3.22 25.84 -29.49
CA TRP C 114 -1.77 25.78 -29.63
C TRP C 114 -1.30 26.21 -31.00
N ILE C 115 -2.09 25.87 -32.03
CA ILE C 115 -1.86 26.40 -33.37
C ILE C 115 -1.86 27.92 -33.31
N ALA C 116 -2.90 28.50 -32.73
CA ALA C 116 -3.00 29.94 -32.58
C ALA C 116 -1.80 30.49 -31.82
N PHE C 117 -1.38 29.78 -30.78
CA PHE C 117 -0.19 30.20 -30.03
C PHE C 117 1.06 30.21 -30.89
N CYS C 118 1.18 29.22 -31.78
CA CYS C 118 2.35 29.12 -32.63
C CYS C 118 2.41 30.27 -33.64
N GLN C 119 1.29 30.50 -34.32
CA GLN C 119 1.16 31.65 -35.20
C GLN C 119 1.41 32.94 -34.42
N SER C 120 0.92 32.98 -33.19
CA SER C 120 1.07 34.15 -32.32
C SER C 120 2.52 34.43 -31.97
N ILE C 121 3.28 33.36 -31.74
CA ILE C 121 4.64 33.50 -31.22
C ILE C 121 5.67 33.60 -32.36
N ILE C 122 5.29 33.18 -33.55
CA ILE C 122 6.16 33.33 -34.71
C ILE C 122 6.30 34.80 -35.06
N SER C 123 5.18 35.45 -35.33
CA SER C 123 5.16 36.83 -35.78
C SER C 123 5.34 37.81 -34.62
N THR C 124 6.58 38.09 -34.28
CA THR C 124 6.91 39.00 -33.19
C THR C 124 8.06 39.94 -33.55
#